data_1AEN
#
_entry.id   1AEN
#
_cell.length_a   105.200
_cell.length_b   74.300
_cell.length_c   45.400
_cell.angle_alpha   90.00
_cell.angle_beta   90.00
_cell.angle_gamma   90.00
#
_symmetry.space_group_name_H-M   'P 21 21 21'
#
loop_
_entity.id
_entity.type
_entity.pdbx_description
1 polymer 'CYTOCHROME C PEROXIDASE'
2 non-polymer 'PROTOPORPHYRIN IX CONTAINING FE'
3 non-polymer 2-AMINO-5-METHYLTHIAZOLE
4 water water
#
_entity_poly.entity_id   1
_entity_poly.type   'polypeptide(L)'
_entity_poly.pdbx_seq_one_letter_code
;MKTLVHVASVEKGRSYEDFQKVYNAIALKLREDDEYDNYIGYGPVLVRLAWHISGTWDKHDNTGGSYGGTYRFKKEFNDP
SNAGLQNGFKFLEPIHKEFPWISSGDLFSLGGVTAVQEMQGPKIPWRCGRVDTPEDTTPDNGRLPDADKDAGYVRTFFQR
LNMNDREVVALMGAHALGKTHLKNSGYEGPGGAANNVFTNEFYLNLLNEDWKLEKNDANNEQWDSKSGYMMLPTDYSLIQ
DPKYLSIVKEYANDQDKFFKDFSKAFEKLLEDGITFPKDAPSPFIFKTLEEQGL
;
_entity_poly.pdbx_strand_id   A
#
loop_
_chem_comp.id
_chem_comp.type
_chem_comp.name
_chem_comp.formula
25T non-polymer 2-AMINO-5-METHYLTHIAZOLE 'C4 H7 N2 S 1'
HEM non-polymer 'PROTOPORPHYRIN IX CONTAINING FE' 'C34 H32 Fe N4 O4'
#
# COMPACT_ATOMS: atom_id res chain seq x y z
N LEU A 4 22.43 6.55 -8.38
CA LEU A 4 21.95 7.20 -7.18
C LEU A 4 22.18 6.53 -5.84
N VAL A 5 22.58 7.33 -4.86
CA VAL A 5 22.50 6.89 -3.47
C VAL A 5 21.45 7.84 -2.87
N HIS A 6 20.58 7.45 -1.95
CA HIS A 6 19.62 8.35 -1.31
C HIS A 6 19.83 8.11 0.15
N VAL A 7 20.48 9.04 0.85
CA VAL A 7 20.82 8.76 2.24
C VAL A 7 19.69 9.26 3.12
N ALA A 8 19.25 8.49 4.07
CA ALA A 8 18.22 8.99 4.99
C ALA A 8 18.70 10.13 5.90
N SER A 9 18.00 11.27 5.92
CA SER A 9 18.31 12.39 6.81
C SER A 9 17.20 12.73 7.78
N VAL A 10 17.23 12.38 9.08
CA VAL A 10 16.15 12.81 10.01
C VAL A 10 15.78 14.29 9.93
N GLU A 11 14.48 14.60 9.89
CA GLU A 11 14.01 15.99 9.90
C GLU A 11 14.60 16.66 11.17
N LYS A 12 15.29 17.78 10.90
CA LYS A 12 16.09 18.40 11.94
C LYS A 12 15.42 18.68 13.31
N GLY A 13 15.86 17.92 14.29
CA GLY A 13 15.44 18.11 15.64
C GLY A 13 14.28 17.29 16.10
N ARG A 14 13.75 16.44 15.19
CA ARG A 14 12.55 15.66 15.50
C ARG A 14 12.79 14.31 16.14
N SER A 15 11.97 13.96 17.09
CA SER A 15 12.12 12.65 17.70
C SER A 15 10.84 11.83 17.58
N TYR A 16 10.84 10.65 18.20
CA TYR A 16 9.71 9.71 18.21
C TYR A 16 8.35 10.36 18.43
N GLU A 17 8.26 11.06 19.56
CA GLU A 17 7.07 11.80 19.94
C GLU A 17 6.61 12.81 18.89
N ASP A 18 7.46 13.44 18.09
CA ASP A 18 6.93 14.31 17.03
C ASP A 18 6.15 13.48 15.99
N PHE A 19 6.75 12.34 15.57
CA PHE A 19 6.17 11.47 14.56
C PHE A 19 4.87 10.82 15.05
N GLN A 20 4.88 10.35 16.28
CA GLN A 20 3.69 9.87 16.96
C GLN A 20 2.54 10.90 16.98
N LYS A 21 2.84 12.21 16.89
CA LYS A 21 1.82 13.25 16.78
C LYS A 21 1.24 13.34 15.37
N VAL A 22 2.08 13.11 14.34
CA VAL A 22 1.55 13.11 12.96
C VAL A 22 0.67 11.87 12.78
N TYR A 23 1.10 10.71 13.32
CA TYR A 23 0.32 9.47 13.26
C TYR A 23 -1.03 9.71 13.96
N ASN A 24 -1.02 10.08 15.25
CA ASN A 24 -2.26 10.47 15.95
C ASN A 24 -3.12 11.44 15.15
N ALA A 25 -2.61 12.42 14.42
CA ALA A 25 -3.46 13.25 13.61
C ALA A 25 -4.08 12.57 12.38
N ILE A 26 -3.33 11.71 11.64
CA ILE A 26 -3.90 10.88 10.53
C ILE A 26 -4.98 9.93 11.11
N ALA A 27 -4.73 9.22 12.20
CA ALA A 27 -5.70 8.32 12.77
C ALA A 27 -6.99 9.00 13.25
N LEU A 28 -6.92 10.23 13.84
CA LEU A 28 -8.10 10.95 14.29
C LEU A 28 -8.90 11.38 13.08
N LYS A 29 -8.24 11.77 12.02
CA LYS A 29 -9.02 12.14 10.83
C LYS A 29 -9.61 10.87 10.15
N LEU A 30 -8.97 9.68 10.31
CA LEU A 30 -9.58 8.43 9.76
C LEU A 30 -10.88 8.11 10.48
N ARG A 31 -10.85 8.28 11.80
CA ARG A 31 -12.05 8.14 12.61
C ARG A 31 -13.24 9.04 12.23
N GLU A 32 -12.86 10.28 11.96
CA GLU A 32 -13.80 11.33 11.66
C GLU A 32 -14.37 11.25 10.26
N ASP A 33 -13.58 11.06 9.22
CA ASP A 33 -14.12 11.07 7.86
C ASP A 33 -14.57 9.67 7.39
N ASP A 34 -15.29 8.97 8.28
CA ASP A 34 -15.73 7.60 8.11
C ASP A 34 -16.80 7.33 7.03
N GLU A 35 -17.30 8.38 6.37
CA GLU A 35 -18.35 8.26 5.37
C GLU A 35 -17.87 7.99 3.93
N TYR A 36 -16.58 8.31 3.65
CA TYR A 36 -15.98 8.18 2.31
C TYR A 36 -16.14 6.79 1.67
N ASP A 37 -16.43 6.87 0.36
CA ASP A 37 -16.65 5.68 -0.47
C ASP A 37 -17.67 4.71 0.17
N ASN A 38 -18.94 5.15 0.31
CA ASN A 38 -19.98 4.34 0.95
C ASN A 38 -19.59 3.72 2.30
N TYR A 39 -18.98 4.54 3.17
CA TYR A 39 -18.59 4.10 4.50
C TYR A 39 -17.51 3.04 4.58
N ILE A 40 -16.71 2.99 3.51
CA ILE A 40 -15.46 2.22 3.64
C ILE A 40 -14.42 3.04 4.49
N GLY A 41 -14.43 4.38 4.37
CA GLY A 41 -13.44 5.22 5.06
C GLY A 41 -12.15 5.40 4.25
N TYR A 42 -11.19 6.32 4.59
CA TYR A 42 -9.99 6.51 3.77
C TYR A 42 -8.85 5.55 4.01
N GLY A 43 -8.90 4.63 4.96
CA GLY A 43 -7.88 3.60 5.21
C GLY A 43 -7.35 2.85 3.96
N PRO A 44 -8.22 2.17 3.18
CA PRO A 44 -7.83 1.60 1.90
C PRO A 44 -7.16 2.54 0.91
N VAL A 45 -7.65 3.72 0.53
CA VAL A 45 -6.92 4.49 -0.47
C VAL A 45 -5.53 4.98 0.02
N LEU A 46 -5.35 5.09 1.36
CA LEU A 46 -4.09 5.52 1.96
C LEU A 46 -3.10 4.37 1.91
N VAL A 47 -3.47 3.09 2.19
CA VAL A 47 -2.41 2.08 1.94
C VAL A 47 -2.15 1.93 0.42
N ARG A 48 -3.11 2.11 -0.48
CA ARG A 48 -2.80 2.06 -1.89
C ARG A 48 -1.85 3.24 -2.28
N LEU A 49 -1.98 4.45 -1.67
CA LEU A 49 -1.05 5.58 -1.93
C LEU A 49 0.34 5.23 -1.45
N ALA A 50 0.51 4.68 -0.23
CA ALA A 50 1.83 4.30 0.25
C ALA A 50 2.54 3.25 -0.65
N TRP A 51 1.80 2.28 -1.29
CA TRP A 51 2.41 1.30 -2.17
C TRP A 51 2.64 1.94 -3.51
N HIS A 52 1.76 2.72 -4.10
CA HIS A 52 2.09 3.35 -5.38
C HIS A 52 3.27 4.39 -5.44
N ILE A 53 3.53 5.14 -4.33
CA ILE A 53 4.73 6.04 -4.27
C ILE A 53 6.01 5.19 -4.04
N SER A 54 5.89 3.98 -3.46
CA SER A 54 7.00 3.05 -3.34
C SER A 54 7.29 2.12 -4.55
N GLY A 55 6.27 1.87 -5.37
CA GLY A 55 6.33 0.86 -6.42
C GLY A 55 6.97 1.30 -7.73
N THR A 56 7.28 2.57 -7.84
CA THR A 56 8.00 3.04 -9.01
C THR A 56 9.49 2.70 -8.87
N TRP A 57 9.97 2.12 -7.76
CA TRP A 57 11.38 1.86 -7.60
C TRP A 57 11.99 0.89 -8.60
N ASP A 58 13.16 1.21 -9.11
CA ASP A 58 13.90 0.28 -9.92
C ASP A 58 15.26 -0.02 -9.32
N LYS A 59 15.47 -1.28 -8.92
CA LYS A 59 16.71 -1.77 -8.33
C LYS A 59 17.97 -1.66 -9.19
N HIS A 60 17.82 -1.49 -10.50
CA HIS A 60 19.00 -1.45 -11.39
C HIS A 60 19.79 -0.12 -11.35
N ASP A 61 19.08 1.01 -11.27
CA ASP A 61 19.74 2.32 -11.21
C ASP A 61 19.35 3.16 -9.99
N ASN A 62 18.70 2.55 -9.00
CA ASN A 62 18.15 3.21 -7.79
C ASN A 62 17.14 4.37 -8.01
N THR A 63 16.50 4.52 -9.17
CA THR A 63 15.49 5.59 -9.35
C THR A 63 14.09 5.23 -8.84
N GLY A 64 13.17 6.20 -8.67
CA GLY A 64 11.83 5.99 -8.07
C GLY A 64 11.89 5.57 -6.62
N GLY A 65 10.84 4.93 -6.08
CA GLY A 65 10.79 4.52 -4.67
C GLY A 65 10.21 5.63 -3.74
N SER A 66 9.99 5.43 -2.45
CA SER A 66 9.33 6.48 -1.64
C SER A 66 10.13 7.73 -1.21
N TYR A 67 11.46 7.67 -1.38
CA TYR A 67 12.36 8.70 -0.88
C TYR A 67 12.08 10.15 -1.27
N GLY A 68 11.90 10.41 -2.55
CA GLY A 68 11.86 11.76 -3.05
C GLY A 68 10.54 12.44 -2.91
N GLY A 69 9.51 11.73 -2.44
CA GLY A 69 8.15 12.30 -2.41
C GLY A 69 7.68 12.92 -3.74
N THR A 70 8.15 12.44 -4.88
CA THR A 70 7.78 12.98 -6.20
C THR A 70 6.36 12.90 -6.74
N TYR A 71 5.47 12.17 -6.08
CA TYR A 71 4.04 12.14 -6.45
C TYR A 71 3.37 13.52 -6.41
N ARG A 72 4.01 14.40 -5.59
CA ARG A 72 3.64 15.81 -5.46
C ARG A 72 3.75 16.50 -6.80
N PHE A 73 4.61 16.03 -7.69
CA PHE A 73 4.70 16.59 -9.04
C PHE A 73 3.70 16.07 -10.07
N LYS A 74 3.30 16.96 -10.96
CA LYS A 74 2.26 16.76 -11.95
C LYS A 74 2.36 15.45 -12.74
N LYS A 75 3.57 15.12 -13.26
CA LYS A 75 3.85 13.90 -14.04
C LYS A 75 3.43 12.62 -13.32
N GLU A 76 3.92 12.39 -12.12
CA GLU A 76 3.52 11.24 -11.34
C GLU A 76 2.08 11.33 -10.83
N PHE A 77 1.61 12.52 -10.46
CA PHE A 77 0.26 12.74 -9.94
C PHE A 77 -0.87 12.36 -10.92
N ASN A 78 -0.63 12.80 -12.16
CA ASN A 78 -1.44 12.51 -13.33
C ASN A 78 -1.16 11.20 -14.08
N ASP A 79 -0.23 10.35 -13.61
CA ASP A 79 -0.05 9.01 -14.15
C ASP A 79 -1.41 8.25 -14.23
N PRO A 80 -1.93 7.73 -15.37
CA PRO A 80 -3.15 6.89 -15.46
C PRO A 80 -3.20 5.84 -14.38
N SER A 81 -2.13 5.15 -14.02
CA SER A 81 -2.14 4.20 -12.89
C SER A 81 -2.41 4.72 -11.48
N ASN A 82 -2.36 6.03 -11.38
CA ASN A 82 -2.62 6.66 -10.08
C ASN A 82 -4.01 7.28 -9.94
N ALA A 83 -4.91 7.06 -10.93
CA ALA A 83 -6.28 7.59 -10.86
C ALA A 83 -6.99 7.17 -9.58
N GLY A 84 -7.61 8.16 -8.92
CA GLY A 84 -8.27 7.93 -7.63
C GLY A 84 -7.40 8.22 -6.41
N LEU A 85 -6.06 8.17 -6.48
CA LEU A 85 -5.22 8.48 -5.33
C LEU A 85 -5.25 9.97 -4.90
N GLN A 86 -5.72 10.87 -5.80
CA GLN A 86 -5.95 12.28 -5.50
C GLN A 86 -6.81 12.52 -4.25
N ASN A 87 -7.69 11.58 -3.93
CA ASN A 87 -8.48 11.53 -2.73
C ASN A 87 -7.63 11.31 -1.48
N GLY A 88 -6.60 10.44 -1.56
CA GLY A 88 -5.73 10.18 -0.42
C GLY A 88 -4.78 11.36 -0.20
N PHE A 89 -4.39 12.02 -1.29
CA PHE A 89 -3.59 13.23 -1.26
C PHE A 89 -4.38 14.32 -0.55
N LYS A 90 -5.59 14.61 -1.05
CA LYS A 90 -6.42 15.62 -0.44
C LYS A 90 -6.68 15.42 1.05
N PHE A 91 -6.78 14.17 1.51
CA PHE A 91 -6.98 13.90 2.90
C PHE A 91 -5.79 14.28 3.77
N LEU A 92 -4.60 14.00 3.25
CA LEU A 92 -3.36 14.20 3.98
C LEU A 92 -2.89 15.67 3.96
N GLU A 93 -3.32 16.45 2.96
CA GLU A 93 -2.94 17.85 2.80
C GLU A 93 -3.13 18.78 4.02
N PRO A 94 -4.30 18.92 4.72
CA PRO A 94 -4.43 19.58 6.00
C PRO A 94 -3.46 19.09 7.05
N ILE A 95 -3.10 17.82 7.00
CA ILE A 95 -2.16 17.29 7.98
C ILE A 95 -0.75 17.78 7.68
N HIS A 96 -0.39 17.93 6.40
CA HIS A 96 0.92 18.50 6.08
C HIS A 96 0.92 19.98 6.51
N LYS A 97 -0.13 20.79 6.31
CA LYS A 97 -0.18 22.16 6.85
C LYS A 97 -0.04 22.22 8.38
N GLU A 98 -0.57 21.25 9.09
CA GLU A 98 -0.42 21.20 10.52
C GLU A 98 0.98 20.81 10.95
N PHE A 99 1.69 20.00 10.16
CA PHE A 99 3.06 19.60 10.49
C PHE A 99 4.01 19.88 9.32
N PRO A 100 4.34 21.18 9.01
CA PRO A 100 5.04 21.58 7.79
C PRO A 100 6.48 21.05 7.70
N TRP A 101 7.06 20.65 8.80
CA TRP A 101 8.40 20.11 8.88
C TRP A 101 8.56 18.66 8.28
N ILE A 102 7.50 17.80 8.29
CA ILE A 102 7.67 16.41 7.81
C ILE A 102 7.86 16.38 6.30
N SER A 103 8.78 15.58 5.73
CA SER A 103 8.90 15.49 4.25
C SER A 103 7.68 14.85 3.57
N SER A 104 7.43 15.06 2.27
CA SER A 104 6.34 14.37 1.56
C SER A 104 6.43 12.85 1.54
N GLY A 105 7.58 12.26 1.20
CA GLY A 105 7.77 10.81 1.23
C GLY A 105 7.51 10.22 2.61
N ASP A 106 8.08 10.84 3.67
CA ASP A 106 7.73 10.42 5.03
C ASP A 106 6.23 10.52 5.38
N LEU A 107 5.53 11.58 4.97
CA LEU A 107 4.09 11.66 5.24
C LEU A 107 3.25 10.63 4.42
N PHE A 108 3.45 10.55 3.09
CA PHE A 108 2.78 9.55 2.21
C PHE A 108 3.00 8.13 2.72
N SER A 109 4.22 7.76 3.11
CA SER A 109 4.44 6.45 3.62
C SER A 109 3.89 6.21 5.02
N LEU A 110 3.89 7.20 5.93
CA LEU A 110 3.35 6.97 7.27
C LEU A 110 1.81 6.89 7.22
N GLY A 111 1.18 7.56 6.27
CA GLY A 111 -0.26 7.44 6.01
C GLY A 111 -0.72 5.95 5.87
N GLY A 112 0.06 5.16 5.09
CA GLY A 112 -0.11 3.72 4.94
C GLY A 112 0.11 2.96 6.22
N VAL A 113 1.21 3.18 6.96
CA VAL A 113 1.39 2.54 8.29
C VAL A 113 0.25 2.80 9.28
N THR A 114 -0.18 4.07 9.34
CA THR A 114 -1.27 4.48 10.25
C THR A 114 -2.57 3.73 9.88
N ALA A 115 -2.94 3.76 8.56
CA ALA A 115 -4.13 3.08 8.07
C ALA A 115 -4.15 1.56 8.42
N VAL A 116 -3.05 0.84 8.18
CA VAL A 116 -3.05 -0.57 8.50
C VAL A 116 -3.23 -0.82 9.98
N GLN A 117 -2.50 -0.09 10.83
CA GLN A 117 -2.59 -0.33 12.26
C GLN A 117 -3.94 0.06 12.86
N GLU A 118 -4.50 1.13 12.32
CA GLU A 118 -5.80 1.57 12.79
C GLU A 118 -6.96 0.65 12.32
N MET A 119 -6.77 -0.05 11.17
CA MET A 119 -7.70 -1.07 10.67
C MET A 119 -7.45 -2.43 11.30
N GLN A 120 -6.95 -2.47 12.53
CA GLN A 120 -6.64 -3.65 13.28
C GLN A 120 -5.57 -4.56 12.63
N GLY A 121 -4.71 -4.01 11.77
CA GLY A 121 -3.63 -4.80 11.22
C GLY A 121 -2.49 -5.07 12.21
N PRO A 122 -1.39 -5.69 11.75
CA PRO A 122 -0.20 -5.83 12.57
C PRO A 122 0.49 -4.46 12.77
N LYS A 123 1.32 -4.33 13.80
CA LYS A 123 2.28 -3.23 13.88
C LYS A 123 3.32 -3.25 12.75
N ILE A 124 3.48 -2.20 11.95
CA ILE A 124 4.52 -2.07 10.91
C ILE A 124 5.67 -1.18 11.45
N PRO A 125 6.89 -1.57 11.82
CA PRO A 125 8.01 -0.65 12.07
C PRO A 125 8.21 0.36 10.98
N TRP A 126 8.27 1.64 11.31
CA TRP A 126 8.51 2.68 10.29
C TRP A 126 9.80 3.53 10.57
N ARG A 127 10.53 3.91 9.53
CA ARG A 127 11.78 4.63 9.72
C ARG A 127 11.66 6.01 9.17
N CYS A 128 12.04 7.11 9.82
CA CYS A 128 12.02 8.44 9.15
C CYS A 128 13.24 8.80 8.31
N GLY A 129 13.34 9.88 7.52
CA GLY A 129 14.56 10.12 6.80
C GLY A 129 14.37 10.38 5.32
N ARG A 130 13.19 10.20 4.71
CA ARG A 130 13.06 10.54 3.28
C ARG A 130 13.24 12.05 3.08
N VAL A 131 13.84 12.51 2.00
CA VAL A 131 14.09 13.92 1.70
C VAL A 131 13.43 14.26 0.40
N ASP A 132 12.64 15.32 0.34
CA ASP A 132 12.05 15.72 -0.92
C ASP A 132 13.08 16.03 -1.97
N THR A 133 12.88 15.58 -3.21
CA THR A 133 13.87 15.81 -4.25
C THR A 133 13.24 16.56 -5.40
N PRO A 134 14.01 17.21 -6.27
CA PRO A 134 13.45 18.04 -7.32
C PRO A 134 12.48 17.44 -8.36
N GLU A 135 11.75 18.29 -9.06
CA GLU A 135 10.80 17.83 -10.07
C GLU A 135 11.41 16.99 -11.20
N ASP A 136 12.71 17.15 -11.50
CA ASP A 136 13.33 16.33 -12.52
C ASP A 136 13.79 14.97 -12.00
N THR A 137 13.68 14.65 -10.70
CA THR A 137 13.90 13.27 -10.28
C THR A 137 12.62 12.42 -10.40
N THR A 138 11.52 13.03 -10.79
CA THR A 138 10.22 12.37 -10.89
C THR A 138 10.20 11.20 -11.91
N PRO A 139 9.91 9.93 -11.56
CA PRO A 139 9.99 8.80 -12.50
C PRO A 139 8.99 8.90 -13.65
N ASP A 140 9.35 8.54 -14.86
CA ASP A 140 8.33 8.54 -15.92
C ASP A 140 7.14 7.60 -15.65
N ASN A 141 6.00 7.86 -16.26
CA ASN A 141 4.86 6.96 -16.14
C ASN A 141 5.09 5.55 -16.73
N GLY A 142 4.39 4.54 -16.22
CA GLY A 142 4.52 3.19 -16.78
C GLY A 142 5.40 2.24 -15.98
N ARG A 143 5.73 2.49 -14.72
CA ARG A 143 6.49 1.55 -13.92
C ARG A 143 5.63 0.76 -12.94
N LEU A 144 4.35 1.13 -12.88
CA LEU A 144 3.42 0.43 -12.01
C LEU A 144 2.67 -0.69 -12.76
N PRO A 145 2.29 -1.82 -12.13
CA PRO A 145 1.84 -3.04 -12.80
C PRO A 145 0.44 -3.08 -13.41
N ASP A 146 0.26 -3.73 -14.55
CA ASP A 146 -1.07 -4.03 -15.11
C ASP A 146 -1.86 -5.10 -14.37
N ALA A 147 -3.20 -4.99 -14.38
CA ALA A 147 -4.07 -5.97 -13.70
C ALA A 147 -4.51 -7.21 -14.52
N ASP A 148 -4.49 -7.00 -15.84
CA ASP A 148 -4.90 -7.95 -16.88
C ASP A 148 -3.84 -8.99 -17.29
N LYS A 149 -3.14 -9.62 -16.37
CA LYS A 149 -1.97 -10.41 -16.73
C LYS A 149 -1.91 -11.62 -15.84
N ASP A 150 -0.88 -12.44 -15.99
CA ASP A 150 -0.80 -13.71 -15.29
C ASP A 150 0.21 -13.81 -14.18
N ALA A 151 0.43 -14.99 -13.64
CA ALA A 151 1.42 -15.14 -12.56
C ALA A 151 2.90 -14.93 -12.95
N GLY A 152 3.18 -15.08 -14.23
CA GLY A 152 4.54 -14.96 -14.72
C GLY A 152 4.94 -13.49 -14.78
N TYR A 153 4.02 -12.66 -15.28
CA TYR A 153 4.17 -11.20 -15.24
C TYR A 153 4.30 -10.71 -13.78
N VAL A 154 3.42 -11.13 -12.86
CA VAL A 154 3.50 -10.73 -11.46
C VAL A 154 4.89 -10.96 -10.81
N ARG A 155 5.45 -12.16 -11.05
CA ARG A 155 6.74 -12.58 -10.52
C ARG A 155 7.89 -11.77 -11.11
N THR A 156 7.81 -11.55 -12.41
CA THR A 156 8.79 -10.76 -13.12
C THR A 156 8.73 -9.29 -12.70
N PHE A 157 7.53 -8.77 -12.46
CA PHE A 157 7.34 -7.38 -12.01
C PHE A 157 7.97 -7.19 -10.63
N PHE A 158 7.58 -8.05 -9.69
CA PHE A 158 8.05 -7.84 -8.36
C PHE A 158 9.55 -8.06 -8.07
N GLN A 159 10.20 -8.66 -9.08
CA GLN A 159 11.65 -8.83 -9.12
C GLN A 159 12.35 -7.48 -9.35
N ARG A 160 11.77 -6.51 -10.06
CA ARG A 160 12.32 -5.15 -10.15
C ARG A 160 12.39 -4.39 -8.78
N LEU A 161 11.67 -4.88 -7.77
CA LEU A 161 11.58 -4.26 -6.43
C LEU A 161 12.15 -5.22 -5.42
N ASN A 162 12.94 -6.16 -5.95
CA ASN A 162 13.25 -7.43 -5.32
C ASN A 162 12.58 -8.01 -4.10
N MET A 163 11.34 -8.23 -4.56
CA MET A 163 10.37 -8.97 -3.77
C MET A 163 10.31 -10.46 -4.22
N ASN A 164 10.46 -11.47 -3.37
CA ASN A 164 10.39 -12.85 -3.79
C ASN A 164 8.93 -13.34 -3.66
N ASP A 165 8.67 -14.67 -3.77
CA ASP A 165 7.29 -15.18 -3.84
C ASP A 165 6.47 -14.95 -2.60
N ARG A 166 7.01 -15.29 -1.42
CA ARG A 166 6.29 -15.11 -0.18
C ARG A 166 5.95 -13.64 0.11
N GLU A 167 6.91 -12.71 -0.15
CA GLU A 167 6.71 -11.26 -0.05
C GLU A 167 5.59 -10.81 -0.97
N VAL A 168 5.57 -11.31 -2.21
CA VAL A 168 4.51 -10.94 -3.14
C VAL A 168 3.13 -11.44 -2.69
N VAL A 169 3.07 -12.67 -2.16
CA VAL A 169 1.76 -13.20 -1.75
C VAL A 169 1.28 -12.43 -0.52
N ALA A 170 2.14 -12.23 0.51
CA ALA A 170 1.79 -11.42 1.69
C ALA A 170 1.33 -9.99 1.30
N LEU A 171 2.07 -9.28 0.46
CA LEU A 171 1.68 -7.96 0.03
C LEU A 171 0.33 -7.86 -0.67
N MET A 172 -0.02 -8.92 -1.41
CA MET A 172 -1.24 -8.90 -2.22
C MET A 172 -2.43 -9.12 -1.31
N GLY A 173 -2.20 -9.62 -0.08
CA GLY A 173 -3.25 -9.73 0.94
C GLY A 173 -3.98 -8.44 1.29
N ALA A 174 -3.34 -7.28 1.00
CA ALA A 174 -3.98 -5.96 1.17
C ALA A 174 -5.15 -5.78 0.21
N HIS A 175 -5.30 -6.63 -0.85
CA HIS A 175 -6.46 -6.47 -1.72
C HIS A 175 -7.82 -6.91 -1.12
N ALA A 176 -7.81 -7.44 0.10
CA ALA A 176 -9.04 -7.56 0.86
C ALA A 176 -9.68 -6.21 1.22
N LEU A 177 -8.82 -5.18 1.29
CA LEU A 177 -9.22 -3.84 1.70
C LEU A 177 -9.83 -3.08 0.56
N GLY A 178 -10.85 -2.26 0.79
CA GLY A 178 -11.34 -1.37 -0.22
C GLY A 178 -12.10 -2.02 -1.36
N LYS A 179 -11.94 -1.53 -2.57
CA LYS A 179 -12.61 -2.08 -3.72
C LYS A 179 -12.02 -1.54 -5.01
N THR A 180 -12.30 -2.12 -6.16
CA THR A 180 -11.93 -1.53 -7.43
C THR A 180 -13.07 -0.62 -7.84
N HIS A 181 -12.85 0.44 -8.65
CA HIS A 181 -13.83 1.42 -9.02
C HIS A 181 -13.79 1.56 -10.54
N LEU A 182 -14.91 1.53 -11.26
CA LEU A 182 -14.85 1.54 -12.71
C LEU A 182 -14.23 2.78 -13.39
N LYS A 183 -14.56 3.97 -12.89
CA LYS A 183 -13.97 5.20 -13.42
C LYS A 183 -12.45 5.33 -13.08
N ASN A 184 -11.91 4.68 -12.05
CA ASN A 184 -10.47 4.77 -11.82
C ASN A 184 -9.68 3.82 -12.73
N SER A 185 -9.93 2.51 -12.58
CA SER A 185 -9.16 1.47 -13.27
C SER A 185 -9.84 0.62 -14.37
N GLY A 186 -11.10 0.81 -14.76
CA GLY A 186 -11.81 -0.13 -15.65
C GLY A 186 -12.18 -1.45 -14.95
N TYR A 187 -12.22 -1.52 -13.63
CA TYR A 187 -12.65 -2.72 -12.91
C TYR A 187 -13.68 -2.37 -11.83
N GLU A 188 -14.53 -3.26 -11.35
CA GLU A 188 -15.56 -2.86 -10.42
C GLU A 188 -15.92 -3.90 -9.41
N GLY A 189 -15.90 -3.55 -8.14
CA GLY A 189 -16.36 -4.43 -7.10
C GLY A 189 -15.43 -4.62 -5.96
N PRO A 190 -15.95 -5.09 -4.84
CA PRO A 190 -15.16 -5.46 -3.68
C PRO A 190 -14.52 -6.83 -3.70
N GLY A 191 -13.63 -7.16 -2.76
CA GLY A 191 -12.95 -8.44 -2.73
C GLY A 191 -13.41 -9.36 -1.62
N GLY A 192 -14.34 -8.87 -0.81
CA GLY A 192 -14.83 -9.63 0.33
C GLY A 192 -15.84 -8.80 1.15
N ALA A 193 -16.20 -9.27 2.32
CA ALA A 193 -17.16 -8.59 3.20
C ALA A 193 -16.55 -7.51 4.12
N ALA A 194 -15.46 -7.87 4.83
CA ALA A 194 -14.75 -6.99 5.77
C ALA A 194 -13.69 -6.17 5.04
N ASN A 195 -14.11 -5.21 4.21
CA ASN A 195 -13.12 -4.45 3.47
C ASN A 195 -12.54 -3.14 4.06
N ASN A 196 -12.63 -2.98 5.38
CA ASN A 196 -11.94 -1.88 6.08
C ASN A 196 -11.48 -2.26 7.48
N VAL A 197 -11.27 -3.56 7.59
CA VAL A 197 -10.66 -4.23 8.74
C VAL A 197 -9.58 -5.10 8.07
N PHE A 198 -8.41 -5.26 8.65
CA PHE A 198 -7.33 -5.98 8.00
C PHE A 198 -7.42 -7.43 8.45
N THR A 199 -7.71 -8.40 7.57
CA THR A 199 -7.73 -9.82 8.00
C THR A 199 -7.14 -10.74 6.93
N ASN A 200 -7.15 -12.07 7.03
CA ASN A 200 -6.69 -12.95 5.89
C ASN A 200 -7.75 -13.33 4.85
N GLU A 201 -8.83 -12.56 4.86
CA GLU A 201 -10.00 -12.80 4.05
C GLU A 201 -9.70 -12.90 2.57
N PHE A 202 -8.73 -12.17 1.97
CA PHE A 202 -8.42 -12.32 0.53
C PHE A 202 -8.06 -13.78 0.11
N TYR A 203 -7.34 -14.46 0.97
CA TYR A 203 -6.86 -15.82 0.73
C TYR A 203 -8.05 -16.76 0.86
N LEU A 204 -8.78 -16.73 1.99
CA LEU A 204 -9.99 -17.53 2.19
C LEU A 204 -10.98 -17.32 1.02
N ASN A 205 -11.32 -16.11 0.58
CA ASN A 205 -12.16 -15.95 -0.58
C ASN A 205 -11.60 -16.54 -1.86
N LEU A 206 -10.30 -16.43 -2.05
CA LEU A 206 -9.71 -16.96 -3.26
C LEU A 206 -9.79 -18.51 -3.21
N LEU A 207 -9.64 -19.18 -2.08
CA LEU A 207 -9.79 -20.62 -1.99
C LEU A 207 -11.24 -21.10 -1.87
N ASN A 208 -12.20 -20.34 -1.34
CA ASN A 208 -13.53 -20.85 -1.13
C ASN A 208 -14.63 -20.33 -2.01
N GLU A 209 -14.47 -19.31 -2.80
CA GLU A 209 -15.54 -18.88 -3.65
C GLU A 209 -15.51 -19.59 -5.02
N ASP A 210 -16.67 -19.64 -5.61
CA ASP A 210 -16.89 -20.21 -6.91
C ASP A 210 -16.75 -19.07 -7.91
N TRP A 211 -15.55 -18.81 -8.36
CA TRP A 211 -15.25 -17.67 -9.25
C TRP A 211 -15.62 -17.90 -10.72
N LYS A 212 -16.24 -16.94 -11.37
CA LYS A 212 -16.62 -17.06 -12.74
C LYS A 212 -16.03 -15.94 -13.58
N LEU A 213 -15.31 -16.24 -14.66
CA LEU A 213 -14.78 -15.21 -15.50
C LEU A 213 -15.82 -14.45 -16.29
N GLU A 214 -15.94 -13.13 -16.10
CA GLU A 214 -16.86 -12.33 -16.88
C GLU A 214 -16.27 -11.03 -17.38
N LYS A 215 -16.81 -10.46 -18.43
CA LYS A 215 -16.42 -9.11 -18.83
C LYS A 215 -17.29 -8.11 -18.04
N ASN A 216 -16.69 -6.98 -17.64
CA ASN A 216 -17.44 -5.94 -16.92
C ASN A 216 -17.89 -4.83 -17.87
N ASP A 217 -18.54 -3.76 -17.39
CA ASP A 217 -18.88 -2.62 -18.25
C ASP A 217 -17.76 -1.85 -18.95
N ALA A 218 -16.51 -2.00 -18.52
CA ALA A 218 -15.37 -1.39 -19.20
C ALA A 218 -14.80 -2.21 -20.35
N ASN A 219 -15.26 -3.46 -20.53
CA ASN A 219 -14.77 -4.50 -21.47
C ASN A 219 -13.53 -5.23 -20.98
N ASN A 220 -13.30 -5.21 -19.68
CA ASN A 220 -12.17 -5.92 -19.13
C ASN A 220 -12.69 -7.15 -18.45
N GLU A 221 -11.85 -8.14 -18.38
CA GLU A 221 -12.25 -9.33 -17.65
C GLU A 221 -11.91 -9.27 -16.18
N GLN A 222 -12.78 -9.89 -15.39
CA GLN A 222 -12.52 -10.16 -14.00
C GLN A 222 -13.25 -11.41 -13.54
N TRP A 223 -12.78 -11.91 -12.44
CA TRP A 223 -13.37 -13.06 -11.82
C TRP A 223 -14.43 -12.68 -10.78
N ASP A 224 -15.71 -12.95 -11.08
CA ASP A 224 -16.83 -12.67 -10.18
C ASP A 224 -17.37 -13.84 -9.36
N SER A 225 -17.86 -13.65 -8.15
CA SER A 225 -18.44 -14.76 -7.44
C SER A 225 -19.90 -14.50 -7.14
N LYS A 226 -20.63 -15.58 -6.82
CA LYS A 226 -22.04 -15.55 -6.42
C LYS A 226 -22.32 -14.53 -5.32
N SER A 227 -21.42 -14.55 -4.33
CA SER A 227 -21.44 -13.65 -3.21
C SER A 227 -21.36 -12.18 -3.50
N GLY A 228 -21.07 -11.71 -4.68
CA GLY A 228 -20.97 -10.27 -4.87
C GLY A 228 -19.52 -9.71 -4.88
N TYR A 229 -18.54 -10.60 -4.74
CA TYR A 229 -17.10 -10.27 -4.79
C TYR A 229 -16.41 -10.39 -6.15
N MET A 230 -15.28 -9.74 -6.34
CA MET A 230 -14.48 -9.83 -7.54
C MET A 230 -13.01 -9.99 -7.20
N MET A 231 -12.29 -10.55 -8.15
CA MET A 231 -10.86 -10.74 -8.12
C MET A 231 -10.30 -10.31 -9.45
N LEU A 232 -9.16 -9.64 -9.43
CA LEU A 232 -8.48 -9.25 -10.68
C LEU A 232 -7.79 -10.47 -11.35
N PRO A 233 -7.49 -10.52 -12.66
CA PRO A 233 -6.68 -11.59 -13.29
C PRO A 233 -5.37 -11.86 -12.54
N THR A 234 -4.65 -10.74 -12.20
CA THR A 234 -3.41 -10.86 -11.39
C THR A 234 -3.68 -11.40 -10.02
N ASP A 235 -4.83 -11.14 -9.38
CA ASP A 235 -5.13 -11.80 -8.10
C ASP A 235 -5.42 -13.31 -8.22
N TYR A 236 -6.17 -13.61 -9.28
CA TYR A 236 -6.60 -14.98 -9.55
C TYR A 236 -5.36 -15.86 -9.91
N SER A 237 -4.37 -15.26 -10.58
CA SER A 237 -3.03 -15.83 -10.79
C SER A 237 -2.39 -16.52 -9.62
N LEU A 238 -2.64 -16.05 -8.41
CA LEU A 238 -2.02 -16.66 -7.25
C LEU A 238 -2.50 -18.08 -6.92
N ILE A 239 -3.64 -18.48 -7.50
CA ILE A 239 -4.04 -19.90 -7.32
C ILE A 239 -3.79 -20.75 -8.58
N GLN A 240 -3.41 -20.11 -9.68
CA GLN A 240 -2.98 -20.76 -10.91
C GLN A 240 -1.49 -21.11 -10.90
N ASP A 241 -0.69 -20.48 -10.05
CA ASP A 241 0.73 -20.82 -9.97
C ASP A 241 0.99 -21.75 -8.82
N PRO A 242 1.68 -22.89 -8.90
CA PRO A 242 1.81 -23.83 -7.78
C PRO A 242 2.61 -23.34 -6.58
N LYS A 243 3.63 -22.50 -6.88
CA LYS A 243 4.44 -21.90 -5.79
C LYS A 243 3.61 -20.88 -4.98
N TYR A 244 2.94 -19.96 -5.68
CA TYR A 244 2.05 -18.97 -5.06
C TYR A 244 0.88 -19.64 -4.29
N LEU A 245 0.30 -20.69 -4.88
CA LEU A 245 -0.81 -21.42 -4.26
C LEU A 245 -0.46 -22.06 -2.92
N SER A 246 0.72 -22.61 -2.70
CA SER A 246 1.01 -23.14 -1.35
C SER A 246 1.09 -22.05 -0.25
N ILE A 247 1.49 -20.85 -0.70
CA ILE A 247 1.61 -19.71 0.23
C ILE A 247 0.21 -19.18 0.54
N VAL A 248 -0.65 -18.97 -0.47
CA VAL A 248 -2.06 -18.59 -0.26
C VAL A 248 -2.74 -19.49 0.78
N LYS A 249 -2.50 -20.82 0.71
CA LYS A 249 -3.12 -21.78 1.65
C LYS A 249 -2.65 -21.66 3.08
N GLU A 250 -1.37 -21.29 3.17
CA GLU A 250 -0.70 -21.06 4.47
C GLU A 250 -1.29 -19.87 5.23
N TYR A 251 -1.51 -18.78 4.48
CA TYR A 251 -2.09 -17.57 5.07
C TYR A 251 -3.58 -17.70 5.40
N ALA A 252 -4.31 -18.45 4.54
CA ALA A 252 -5.72 -18.80 4.75
C ALA A 252 -5.84 -19.65 6.01
N ASN A 253 -4.90 -20.51 6.32
CA ASN A 253 -4.95 -21.26 7.58
C ASN A 253 -4.33 -20.59 8.79
N ASP A 254 -3.64 -19.45 8.57
CA ASP A 254 -2.94 -18.81 9.66
C ASP A 254 -2.76 -17.30 9.44
N GLN A 255 -3.75 -16.54 9.94
CA GLN A 255 -3.73 -15.09 9.91
C GLN A 255 -2.49 -14.47 10.64
N ASP A 256 -2.01 -15.03 11.76
CA ASP A 256 -0.81 -14.51 12.42
C ASP A 256 0.46 -14.58 11.58
N LYS A 257 0.66 -15.72 10.92
CA LYS A 257 1.76 -15.86 9.98
C LYS A 257 1.58 -14.84 8.87
N PHE A 258 0.35 -14.66 8.35
CA PHE A 258 0.13 -13.59 7.37
C PHE A 258 0.51 -12.17 7.91
N PHE A 259 0.08 -11.83 9.13
CA PHE A 259 0.44 -10.53 9.76
C PHE A 259 1.95 -10.27 9.91
N LYS A 260 2.64 -11.27 10.41
CA LYS A 260 4.06 -11.24 10.55
C LYS A 260 4.80 -11.10 9.20
N ASP A 261 4.37 -11.79 8.17
CA ASP A 261 5.03 -11.66 6.88
C ASP A 261 4.63 -10.41 6.13
N PHE A 262 3.35 -9.97 6.23
CA PHE A 262 2.93 -8.68 5.61
C PHE A 262 3.71 -7.47 6.24
N SER A 263 3.88 -7.51 7.57
CA SER A 263 4.60 -6.48 8.31
C SER A 263 6.02 -6.28 7.74
N LYS A 264 6.84 -7.37 7.80
CA LYS A 264 8.14 -7.43 7.16
C LYS A 264 8.15 -7.02 5.72
N ALA A 265 7.20 -7.50 4.89
CA ALA A 265 7.32 -7.09 3.48
C ALA A 265 6.88 -5.67 3.11
N PHE A 266 5.93 -5.13 3.86
CA PHE A 266 5.41 -3.78 3.60
C PHE A 266 6.46 -2.67 3.96
N GLU A 267 7.12 -2.91 5.10
CA GLU A 267 8.28 -2.13 5.54
C GLU A 267 9.38 -2.23 4.50
N LYS A 268 9.75 -3.44 4.03
CA LYS A 268 10.73 -3.51 2.97
C LYS A 268 10.38 -2.74 1.71
N LEU A 269 9.08 -2.79 1.35
CA LEU A 269 8.60 -2.07 0.17
C LEU A 269 8.72 -0.53 0.32
N LEU A 270 8.40 -0.03 1.54
CA LEU A 270 8.50 1.42 1.87
C LEU A 270 9.94 1.97 2.03
N GLU A 271 10.87 1.09 2.38
CA GLU A 271 12.30 1.45 2.49
C GLU A 271 13.21 1.08 1.33
N ASP A 272 12.70 0.49 0.21
CA ASP A 272 13.57 0.25 -0.94
C ASP A 272 14.17 1.50 -1.57
N GLY A 273 15.45 1.43 -1.95
CA GLY A 273 16.18 2.55 -2.51
C GLY A 273 16.75 3.54 -1.47
N ILE A 274 16.61 3.30 -0.17
CA ILE A 274 17.07 4.23 0.85
C ILE A 274 18.17 3.65 1.70
N THR A 275 19.30 4.35 1.78
CA THR A 275 20.36 3.91 2.70
C THR A 275 20.22 4.49 4.12
N PHE A 276 20.21 3.73 5.21
CA PHE A 276 20.11 4.28 6.57
C PHE A 276 21.46 4.29 7.25
N PRO A 277 22.04 5.43 7.65
CA PRO A 277 23.39 5.48 8.27
C PRO A 277 23.33 4.80 9.62
N LYS A 278 24.29 4.12 10.30
CA LYS A 278 23.84 3.55 11.59
C LYS A 278 23.78 4.52 12.77
N ASP A 279 24.06 5.78 12.52
CA ASP A 279 23.76 6.78 13.52
C ASP A 279 22.24 7.02 13.56
N ALA A 280 21.53 6.70 12.45
CA ALA A 280 20.08 6.88 12.37
C ALA A 280 19.26 6.21 13.46
N PRO A 281 18.13 6.78 13.94
CA PRO A 281 17.26 6.11 14.89
C PRO A 281 16.79 4.72 14.42
N SER A 282 16.66 3.75 15.33
CA SER A 282 16.00 2.47 15.09
C SER A 282 14.60 2.67 14.54
N PRO A 283 13.97 1.79 13.76
CA PRO A 283 12.56 2.00 13.35
C PRO A 283 11.59 2.21 14.52
N PHE A 284 10.72 3.19 14.37
CA PHE A 284 9.74 3.45 15.41
C PHE A 284 8.52 2.50 15.44
N ILE A 285 8.04 2.00 16.58
CA ILE A 285 6.76 1.25 16.60
C ILE A 285 5.65 2.20 17.09
N PHE A 286 4.79 2.81 16.30
CA PHE A 286 3.79 3.70 16.90
C PHE A 286 2.62 3.05 17.61
N LYS A 287 2.24 3.65 18.73
CA LYS A 287 0.99 3.28 19.39
C LYS A 287 -0.25 3.73 18.64
N THR A 288 -1.26 2.85 18.72
CA THR A 288 -2.56 3.17 18.14
C THR A 288 -3.34 4.16 19.04
N LEU A 289 -4.35 4.92 18.56
CA LEU A 289 -5.23 5.73 19.45
C LEU A 289 -5.74 5.04 20.71
N GLU A 290 -6.17 3.80 20.41
CA GLU A 290 -6.71 2.92 21.43
C GLU A 290 -5.73 2.59 22.54
N GLU A 291 -4.49 2.38 22.12
CA GLU A 291 -3.42 2.11 23.08
C GLU A 291 -3.14 3.34 23.98
N GLN A 292 -3.31 4.53 23.40
CA GLN A 292 -3.07 5.81 24.05
C GLN A 292 -4.32 6.34 24.77
N GLY A 293 -5.48 5.69 24.64
CA GLY A 293 -6.72 6.18 25.25
C GLY A 293 -7.29 7.39 24.52
N LEU A 294 -7.00 7.56 23.25
CA LEU A 294 -7.51 8.69 22.48
C LEU A 294 -8.61 8.38 21.47
CHA HEM B . -6.75 -1.38 -5.55
CHB HEM B . -4.06 -3.35 -9.02
CHC HEM B . -0.75 -4.58 -5.79
CHD HEM B . -3.22 -2.22 -2.48
C1A HEM B . -6.34 -1.82 -6.82
C2A HEM B . -7.00 -1.56 -7.99
C3A HEM B . -6.25 -2.13 -9.00
C4A HEM B . -5.14 -2.68 -8.39
CMA HEM B . -6.58 -2.10 -10.50
CAA HEM B . -8.31 -0.77 -8.08
CBA HEM B . -8.11 0.74 -8.19
CGA HEM B . -9.41 1.55 -8.29
O1A HEM B . -10.19 1.40 -9.23
O2A HEM B . -9.66 2.41 -7.44
C1B HEM B . -2.94 -3.96 -8.45
C2B HEM B . -2.00 -4.72 -9.15
C3B HEM B . -1.08 -5.13 -8.18
C4B HEM B . -1.48 -4.55 -6.99
CMB HEM B . -2.08 -4.98 -10.66
CAB HEM B . 0.02 -5.99 -8.24
CBB HEM B . 0.41 -6.83 -9.33
C1C HEM B . -1.10 -4.01 -4.56
C2C HEM B . -0.31 -4.06 -3.41
C3C HEM B . -1.03 -3.31 -2.48
C4C HEM B . -2.20 -2.92 -3.10
CMC HEM B . 1.11 -4.68 -3.32
CAC HEM B . -0.76 -2.99 -1.14
CBC HEM B . 0.32 -3.47 -0.34
C1D HEM B . -4.42 -1.80 -2.98
C2D HEM B . -5.45 -1.32 -2.19
C3D HEM B . -6.53 -1.12 -3.05
C4D HEM B . -6.05 -1.45 -4.33
CMD HEM B . -5.48 -1.20 -0.68
CAD HEM B . -7.92 -0.61 -2.62
CBD HEM B . -8.05 0.90 -2.93
CGD HEM B . -9.39 1.60 -2.69
O1D HEM B . -9.58 2.71 -3.16
O2D HEM B . -10.26 1.04 -2.03
NA HEM B . -5.21 -2.52 -7.07
NB HEM B . -2.66 -3.94 -7.13
NC HEM B . -2.25 -3.34 -4.36
ND HEM B . -4.77 -1.86 -4.26
FE HEM B . -3.74 -2.96 -5.68
S1 25T C . -10.16 -6.16 -4.69
C2 25T C . -9.59 -7.24 -5.37
N3 25T C . -8.40 -6.80 -5.98
C4 25T C . -8.25 -5.44 -5.67
C5 25T C . -9.33 -5.05 -4.88
N 25T C . -10.14 -8.61 -5.44
CM 25T C . -9.57 -3.63 -4.31
#